data_8SHV
#
_entry.id   8SHV
#
_cell.length_a   61.980
_cell.length_b   65.810
_cell.length_c   136.670
_cell.angle_alpha   90.000
_cell.angle_beta   90.000
_cell.angle_gamma   90.000
#
_symmetry.space_group_name_H-M   'P 21 21 21'
#
loop_
_entity.id
_entity.type
_entity.pdbx_description
1 polymer '38B7 light chain'
2 polymer '38B7 heavy chain'
3 non-polymer '4-(2-HYDROXYETHYL)-1-PIPERAZINE ETHANESULFONIC ACID'
4 water water
#
loop_
_entity_poly.entity_id
_entity_poly.type
_entity_poly.pdbx_seq_one_letter_code
_entity_poly.pdbx_strand_id
1 'polypeptide(L)'
;EIVLTQSPATLSLSPGARATLSCRASQSVDTYLAWYQQRRGQSPRLLIYDASKRATGIPARFSGSGSGTDFTLTISSLEP
EDFAVYYCQQRNNWRTWTFGQGTKVEINRTVAAPSVFIFPPSDEQLKSGTASVVCLLNNFYPREAKVQWKVDNALQSGNS
QESVTEQDSKDSTYSLSSTLTLSKADYEKHKVYACEVTHQGLSSPVTKSFNRGEC
;
L
2 'polypeptide(L)'
;QVQLVESGGGVVQPGRSLRLSCVGSGFTFRRDAKYWVRQAPGKGLEWVAAISHDGGEEDYAESVKGRFTISRDNSRETVY
LEMNSLRPEDTAVYYCATTRSGWYFDYWGQGALVTVSSASTKGPSVFPLAPSSKSTSGGTAALGCLVKDYFPEPVTVSWN
SGALTSGVHTFPAVLQSSGLYSLSSVVTVPSSSLGTQTYICNVNHKPSNTKVDKKVEPKSC
;
H
#
loop_
_chem_comp.id
_chem_comp.type
_chem_comp.name
_chem_comp.formula
EPE non-polymer '4-(2-HYDROXYETHYL)-1-PIPERAZINE ETHANESULFONIC ACID' 'C8 H18 N2 O4 S'
#
# COMPACT_ATOMS: atom_id res chain seq x y z
N GLU A 1 4.93 11.13 24.91
CA GLU A 1 5.81 10.82 26.08
C GLU A 1 6.48 9.46 25.87
N ILE A 2 5.72 8.47 25.39
CA ILE A 2 6.23 7.11 25.22
C ILE A 2 6.25 6.79 23.74
N VAL A 3 7.42 6.36 23.25
CA VAL A 3 7.61 5.96 21.87
C VAL A 3 7.91 4.48 21.82
N LEU A 4 7.20 3.75 20.95
CA LEU A 4 7.49 2.36 20.68
C LEU A 4 8.29 2.25 19.39
N THR A 5 9.42 1.54 19.44
CA THR A 5 10.31 1.34 18.31
C THR A 5 10.35 -0.13 17.95
N GLN A 6 10.01 -0.45 16.70
CA GLN A 6 10.12 -1.83 16.20
C GLN A 6 11.30 -1.90 15.23
N SER A 7 12.29 -2.69 15.58
CA SER A 7 13.50 -2.79 14.78
C SER A 7 13.97 -4.24 14.92
N PRO A 8 14.25 -4.93 13.80
CA PRO A 8 14.23 -4.40 12.43
C PRO A 8 12.84 -4.18 11.87
N ALA A 9 12.75 -3.26 10.92
CA ALA A 9 11.48 -2.94 10.29
C ALA A 9 11.06 -4.00 9.28
N THR A 10 12.01 -4.79 8.77
CA THR A 10 11.70 -5.89 7.86
C THR A 10 12.47 -7.12 8.35
N LEU A 11 11.78 -8.26 8.44
CA LEU A 11 12.40 -9.54 8.72
C LEU A 11 12.19 -10.44 7.52
N SER A 12 13.27 -11.04 7.03
CA SER A 12 13.22 -11.94 5.88
C SER A 12 13.45 -13.35 6.40
N LEU A 13 12.41 -14.18 6.39
CA LEU A 13 12.47 -15.52 6.96
C LEU A 13 11.83 -16.55 6.07
N SER A 14 12.16 -17.81 6.35
CA SER A 14 11.67 -18.84 5.46
C SER A 14 10.32 -19.37 5.94
N PRO A 15 9.48 -19.82 5.02
CA PRO A 15 8.24 -20.49 5.44
C PRO A 15 8.52 -21.64 6.39
N GLY A 16 7.68 -21.76 7.41
CA GLY A 16 7.83 -22.80 8.41
C GLY A 16 8.87 -22.53 9.47
N ALA A 17 9.62 -21.44 9.36
CA ALA A 17 10.68 -21.15 10.32
C ALA A 17 10.16 -20.35 11.52
N ARG A 18 11.00 -20.23 12.54
CA ARG A 18 10.67 -19.43 13.71
C ARG A 18 10.88 -17.95 13.44
N ALA A 19 10.02 -17.11 13.99
CA ALA A 19 10.23 -15.68 13.94
C ALA A 19 10.14 -15.05 15.30
N THR A 20 11.02 -14.05 15.56
CA THR A 20 10.96 -13.26 16.77
C THR A 20 11.04 -11.80 16.36
N LEU A 21 10.02 -11.02 16.76
CA LEU A 21 9.87 -9.59 16.48
C LEU A 21 10.11 -8.81 17.75
N SER A 22 10.67 -7.61 17.61
CA SER A 22 11.05 -6.78 18.74
C SER A 22 10.23 -5.52 18.83
N CYS A 23 9.81 -5.15 20.03
CA CYS A 23 9.25 -3.83 20.33
C CYS A 23 10.00 -3.31 21.55
N ARG A 24 10.53 -2.09 21.47
CA ARG A 24 11.19 -1.44 22.58
C ARG A 24 10.50 -0.12 22.91
N ALA A 25 10.14 0.05 24.17
CA ALA A 25 9.51 1.27 24.63
C ALA A 25 10.57 2.21 25.19
N SER A 26 10.38 3.52 24.96
CA SER A 26 11.35 4.51 25.40
C SER A 26 11.43 4.63 26.91
N GLN A 27 10.33 4.34 27.61
CA GLN A 27 10.32 4.20 29.06
C GLN A 27 9.39 3.04 29.40
N SER A 28 9.40 2.62 30.66
CA SER A 28 8.69 1.41 31.02
C SER A 28 7.20 1.55 30.80
N VAL A 29 6.59 0.49 30.29
CA VAL A 29 5.14 0.32 30.18
C VAL A 29 4.67 -0.89 30.99
N ASP A 30 5.54 -1.41 31.87
CA ASP A 30 5.23 -2.60 32.67
CA ASP A 30 5.22 -2.60 32.68
C ASP A 30 4.87 -3.70 31.69
N THR A 31 3.72 -4.37 31.81
CA THR A 31 3.36 -5.40 30.86
C THR A 31 2.20 -4.96 29.97
N TYR A 32 1.90 -3.67 29.91
CA TYR A 32 0.74 -3.20 29.14
C TYR A 32 1.15 -2.91 27.71
N LEU A 33 1.25 -3.97 26.95
CA LEU A 33 1.73 -3.99 25.58
C LEU A 33 0.93 -4.99 24.79
N ALA A 34 0.52 -4.60 23.57
CA ALA A 34 -0.24 -5.49 22.70
C ALA A 34 0.43 -5.57 21.35
N TRP A 35 0.16 -6.67 20.67
CA TRP A 35 0.63 -6.91 19.32
C TRP A 35 -0.53 -7.17 18.39
N TYR A 36 -0.48 -6.57 17.21
CA TYR A 36 -1.50 -6.73 16.18
C TYR A 36 -0.86 -7.29 14.92
N GLN A 37 -1.60 -8.13 14.19
CA GLN A 37 -1.21 -8.62 12.89
C GLN A 37 -2.11 -8.01 11.83
N GLN A 38 -1.51 -7.48 10.79
CA GLN A 38 -2.25 -6.97 9.66
C GLN A 38 -1.84 -7.78 8.43
N ARG A 39 -2.68 -8.74 8.09
CA ARG A 39 -2.49 -9.58 6.93
C ARG A 39 -2.84 -8.78 5.69
N ARG A 40 -2.27 -9.23 4.58
CA ARG A 40 -2.43 -8.52 3.34
C ARG A 40 -3.89 -8.23 3.00
N GLY A 41 -4.21 -6.95 2.88
CA GLY A 41 -5.54 -6.50 2.50
C GLY A 41 -6.62 -6.64 3.55
N GLN A 42 -6.24 -6.93 4.80
CA GLN A 42 -7.18 -7.21 5.88
C GLN A 42 -7.05 -6.15 6.96
N SER A 43 -8.05 -6.12 7.83
CA SER A 43 -7.98 -5.31 9.04
C SER A 43 -6.92 -5.88 9.98
N PRO A 44 -6.33 -5.02 10.82
CA PRO A 44 -5.51 -5.55 11.93
C PRO A 44 -6.35 -6.40 12.85
N ARG A 45 -5.69 -7.37 13.46
CA ARG A 45 -6.33 -8.16 14.51
C ARG A 45 -5.39 -8.21 15.71
N LEU A 46 -5.99 -8.28 16.89
CA LEU A 46 -5.20 -8.48 18.10
C LEU A 46 -4.64 -9.91 18.15
N LEU A 47 -3.33 -10.01 18.42
CA LEU A 47 -2.71 -11.30 18.67
C LEU A 47 -2.44 -11.58 20.13
N ILE A 48 -1.77 -10.64 20.79
CA ILE A 48 -1.21 -10.79 22.13
C ILE A 48 -1.51 -9.50 22.86
N TYR A 49 -1.87 -9.61 24.14
CA TYR A 49 -2.08 -8.45 24.99
C TYR A 49 -1.48 -8.73 26.36
N ASP A 50 -1.32 -7.70 27.15
CA ASP A 50 -0.64 -7.83 28.45
C ASP A 50 0.71 -8.54 28.25
N ALA A 51 1.34 -8.22 27.14
CA ALA A 51 2.68 -8.68 26.77
C ALA A 51 2.75 -10.16 26.39
N SER A 52 1.94 -11.03 27.03
CA SER A 52 2.15 -12.47 26.83
C SER A 52 0.86 -13.28 26.70
N LYS A 53 -0.29 -12.65 26.75
CA LYS A 53 -1.56 -13.38 26.72
C LYS A 53 -2.10 -13.44 25.29
N ARG A 54 -2.56 -14.62 24.90
CA ARG A 54 -3.05 -14.80 23.55
C ARG A 54 -4.52 -14.42 23.49
N ALA A 55 -4.89 -13.61 22.51
CA ALA A 55 -6.30 -13.25 22.34
C ALA A 55 -7.10 -14.48 21.97
N THR A 56 -8.38 -14.45 22.31
CA THR A 56 -9.25 -15.59 22.07
C THR A 56 -9.25 -15.95 20.59
N GLY A 57 -9.16 -17.25 20.32
CA GLY A 57 -9.18 -17.74 18.96
C GLY A 57 -7.88 -17.66 18.20
N ILE A 58 -6.86 -17.02 18.75
CA ILE A 58 -5.58 -16.86 18.05
C ILE A 58 -4.80 -18.16 18.08
N PRO A 59 -4.18 -18.58 16.97
CA PRO A 59 -3.46 -19.85 16.97
C PRO A 59 -2.36 -19.92 18.03
N ALA A 60 -2.08 -21.15 18.46
CA ALA A 60 -1.09 -21.41 19.51
C ALA A 60 0.33 -21.10 19.08
N ARG A 61 0.58 -20.95 17.77
CA ARG A 61 1.94 -20.62 17.35
C ARG A 61 2.39 -19.21 17.72
N PHE A 62 1.48 -18.36 18.19
CA PHE A 62 1.80 -17.01 18.59
C PHE A 62 2.01 -16.94 20.09
N SER A 63 3.11 -16.32 20.49
CA SER A 63 3.47 -16.15 21.89
C SER A 63 4.12 -14.80 22.04
N GLY A 64 4.17 -14.29 23.25
CA GLY A 64 4.87 -13.04 23.49
C GLY A 64 5.44 -13.02 24.90
N SER A 65 6.40 -12.10 25.11
CA SER A 65 7.06 -12.01 26.39
C SER A 65 7.66 -10.62 26.53
N GLY A 66 7.86 -10.23 27.78
CA GLY A 66 8.58 -9.01 28.09
C GLY A 66 7.88 -8.24 29.18
N SER A 67 8.62 -7.34 29.80
CA SER A 67 8.10 -6.53 30.89
C SER A 67 9.06 -5.36 31.04
N GLY A 68 8.51 -4.14 31.01
CA GLY A 68 9.31 -2.95 31.21
C GLY A 68 9.43 -2.23 29.90
N THR A 69 10.55 -2.40 29.21
CA THR A 69 10.79 -1.71 27.95
C THR A 69 11.05 -2.62 26.78
N ASP A 70 11.39 -3.89 26.99
CA ASP A 70 11.79 -4.77 25.90
C ASP A 70 10.85 -5.96 25.75
N PHE A 71 10.19 -6.04 24.61
CA PHE A 71 9.14 -7.01 24.36
C PHE A 71 9.46 -7.77 23.09
N THR A 72 8.97 -9.00 23.02
CA THR A 72 9.08 -9.81 21.82
C THR A 72 7.76 -10.51 21.52
N LEU A 73 7.55 -10.71 20.23
CA LEU A 73 6.49 -11.52 19.66
C LEU A 73 7.19 -12.69 18.98
N THR A 74 6.77 -13.93 19.30
CA THR A 74 7.35 -15.14 18.69
C THR A 74 6.28 -15.87 17.89
N ILE A 75 6.65 -16.29 16.67
CA ILE A 75 5.82 -17.16 15.87
C ILE A 75 6.62 -18.46 15.72
N SER A 76 6.10 -19.58 16.25
CA SER A 76 6.91 -20.77 16.33
C SER A 76 7.22 -21.37 14.95
N SER A 77 6.31 -21.21 14.00
CA SER A 77 6.44 -21.75 12.65
C SER A 77 5.63 -20.82 11.77
N LEU A 78 6.28 -20.18 10.80
CA LEU A 78 5.59 -19.21 9.94
C LEU A 78 4.71 -19.90 8.89
N GLU A 79 3.41 -19.64 8.96
CA GLU A 79 2.43 -20.08 8.00
C GLU A 79 2.31 -19.04 6.91
N PRO A 80 1.72 -19.39 5.78
CA PRO A 80 1.62 -18.42 4.67
C PRO A 80 1.00 -17.09 5.07
N GLU A 81 -0.06 -17.10 5.87
CA GLU A 81 -0.71 -15.85 6.23
C GLU A 81 0.12 -15.01 7.20
N ASP A 82 1.17 -15.59 7.82
CA ASP A 82 1.95 -14.86 8.78
C ASP A 82 2.94 -13.91 8.15
N PHE A 83 3.12 -13.95 6.83
CA PHE A 83 3.92 -12.97 6.10
C PHE A 83 3.06 -11.74 5.93
N ALA A 84 3.26 -10.83 6.88
CA ALA A 84 2.30 -9.79 7.20
C ALA A 84 3.07 -8.67 7.89
N VAL A 85 2.37 -7.61 8.28
CA VAL A 85 2.92 -6.54 9.09
C VAL A 85 2.38 -6.65 10.52
N TYR A 86 3.24 -6.45 11.48
CA TYR A 86 2.93 -6.58 12.91
C TYR A 86 3.20 -5.23 13.57
N TYR A 87 2.27 -4.80 14.43
CA TYR A 87 2.40 -3.53 15.14
C TYR A 87 2.30 -3.82 16.63
N CYS A 88 3.13 -3.17 17.42
CA CYS A 88 2.95 -3.14 18.87
C CYS A 88 2.21 -1.86 19.27
N GLN A 89 1.67 -1.87 20.48
CA GLN A 89 0.79 -0.80 20.93
C GLN A 89 0.81 -0.68 22.44
N GLN A 90 0.69 0.56 22.90
CA GLN A 90 0.66 0.88 24.32
C GLN A 90 -0.32 2.01 24.54
N ARG A 91 -0.62 2.28 25.80
CA ARG A 91 -1.48 3.38 26.21
C ARG A 91 -0.83 4.10 27.36
N ASN A 92 -0.58 5.40 27.21
CA ASN A 92 0.00 6.17 28.30
C ASN A 92 -0.93 7.30 28.75
N ASN A 93 -0.93 7.55 30.05
CA ASN A 93 -1.69 8.64 30.68
C ASN A 93 -3.19 8.52 30.42
N TRP A 94 -3.68 7.28 30.30
CA TRP A 94 -5.10 6.99 30.22
C TRP A 94 -5.78 7.42 28.93
N ARG A 95 -5.19 8.36 28.20
CA ARG A 95 -5.91 9.02 27.12
C ARG A 95 -5.13 9.10 25.81
N THR A 96 -4.01 8.39 25.69
CA THR A 96 -3.20 8.38 24.49
C THR A 96 -2.82 6.94 24.16
N TRP A 97 -3.22 6.47 22.99
CA TRP A 97 -2.87 5.15 22.49
C TRP A 97 -1.89 5.33 21.35
N THR A 98 -0.78 4.59 21.37
CA THR A 98 0.23 4.75 20.34
C THR A 98 0.70 3.38 19.85
N PHE A 99 1.22 3.38 18.65
CA PHE A 99 1.70 2.18 17.97
C PHE A 99 3.18 2.34 17.61
N GLY A 100 3.85 1.20 17.49
CA GLY A 100 5.11 1.20 16.77
C GLY A 100 4.86 1.40 15.30
N GLN A 101 5.96 1.54 14.54
CA GLN A 101 5.84 1.81 13.10
C GLN A 101 5.69 0.55 12.27
N GLY A 102 5.71 -0.62 12.86
CA GLY A 102 5.44 -1.89 12.21
C GLY A 102 6.69 -2.61 11.76
N THR A 103 6.63 -3.95 11.81
CA THR A 103 7.65 -4.81 11.22
C THR A 103 6.99 -5.72 10.19
N LYS A 104 7.51 -5.72 8.96
CA LYS A 104 7.03 -6.57 7.89
C LYS A 104 7.84 -7.85 7.92
N VAL A 105 7.16 -8.98 7.95
CA VAL A 105 7.79 -10.29 7.79
C VAL A 105 7.59 -10.71 6.35
N GLU A 106 8.70 -10.85 5.62
CA GLU A 106 8.68 -11.22 4.21
C GLU A 106 9.34 -12.56 4.04
N ILE A 107 9.10 -13.16 2.87
CA ILE A 107 9.64 -14.47 2.54
C ILE A 107 11.07 -14.33 2.05
N ASN A 108 11.99 -15.03 2.73
CA ASN A 108 13.38 -15.06 2.28
C ASN A 108 13.52 -16.05 1.14
N ARG A 109 14.37 -15.70 0.20
CA ARG A 109 14.69 -16.58 -0.92
C ARG A 109 16.06 -16.20 -1.45
N THR A 110 16.51 -16.96 -2.45
CA THR A 110 17.81 -16.66 -3.04
C THR A 110 17.77 -15.33 -3.77
N VAL A 111 18.95 -14.69 -3.85
CA VAL A 111 19.06 -13.46 -4.63
C VAL A 111 18.73 -13.68 -6.08
N ALA A 112 17.96 -12.75 -6.65
CA ALA A 112 17.60 -12.77 -8.07
C ALA A 112 17.78 -11.38 -8.63
N ALA A 113 18.60 -11.25 -9.67
CA ALA A 113 18.77 -9.97 -10.32
C ALA A 113 17.53 -9.62 -11.15
N PRO A 114 17.19 -8.32 -11.24
CA PRO A 114 16.07 -7.92 -12.08
C PRO A 114 16.41 -8.04 -13.55
N SER A 115 15.40 -8.35 -14.36
CA SER A 115 15.44 -8.11 -15.80
CA SER A 115 15.44 -8.11 -15.80
C SER A 115 14.91 -6.71 -16.01
N VAL A 116 15.58 -5.93 -16.84
CA VAL A 116 15.29 -4.49 -16.93
C VAL A 116 14.84 -4.17 -18.33
N PHE A 117 13.81 -3.31 -18.42
CA PHE A 117 13.21 -2.90 -19.69
C PHE A 117 12.92 -1.43 -19.64
N ILE A 118 13.21 -0.71 -20.74
CA ILE A 118 12.88 0.72 -20.84
C ILE A 118 11.85 0.89 -21.95
N PHE A 119 10.87 1.77 -21.71
CA PHE A 119 9.80 2.05 -22.67
C PHE A 119 9.76 3.53 -23.01
N PRO A 120 9.87 3.91 -24.27
CA PRO A 120 9.69 5.32 -24.66
C PRO A 120 8.25 5.73 -24.50
N PRO A 121 8.01 7.04 -24.48
CA PRO A 121 6.64 7.54 -24.57
C PRO A 121 6.04 7.14 -25.89
N SER A 122 4.74 6.89 -25.86
CA SER A 122 4.01 6.63 -27.10
C SER A 122 3.78 7.92 -27.89
N ASP A 123 3.64 7.80 -29.23
CA ASP A 123 3.31 8.97 -30.02
C ASP A 123 1.97 9.55 -29.60
N GLU A 124 1.01 8.68 -29.22
CA GLU A 124 -0.29 9.14 -28.77
C GLU A 124 -0.17 10.06 -27.56
N GLN A 125 0.66 9.69 -26.59
CA GLN A 125 0.81 10.56 -25.43
C GLN A 125 1.46 11.88 -25.81
N LEU A 126 2.49 11.82 -26.66
CA LEU A 126 3.20 13.05 -27.03
C LEU A 126 2.26 14.09 -27.62
N LYS A 127 1.22 13.65 -28.31
CA LYS A 127 0.26 14.59 -28.87
C LYS A 127 -0.27 15.56 -27.81
N SER A 128 -0.40 15.09 -26.57
CA SER A 128 -1.02 15.87 -25.51
C SER A 128 -0.02 16.73 -24.74
N GLY A 129 1.26 16.68 -25.08
CA GLY A 129 2.23 17.62 -24.54
C GLY A 129 3.05 17.10 -23.38
N THR A 130 2.88 15.83 -23.02
CA THR A 130 3.64 15.23 -21.93
C THR A 130 4.23 13.92 -22.42
N ALA A 131 5.38 13.60 -21.88
CA ALA A 131 6.11 12.37 -22.16
C ALA A 131 6.33 11.61 -20.86
N SER A 132 5.95 10.36 -20.82
CA SER A 132 6.24 9.45 -19.74
C SER A 132 7.22 8.40 -20.24
N VAL A 133 8.37 8.28 -19.59
CA VAL A 133 9.36 7.25 -19.91
C VAL A 133 9.34 6.25 -18.76
N VAL A 134 9.22 4.95 -19.07
CA VAL A 134 9.01 3.96 -18.03
C VAL A 134 10.15 2.96 -18.02
N CYS A 135 10.62 2.67 -16.81
CA CYS A 135 11.62 1.64 -16.59
C CYS A 135 11.01 0.54 -15.74
N LEU A 136 11.11 -0.70 -16.18
CA LEU A 136 10.59 -1.84 -15.43
C LEU A 136 11.75 -2.70 -14.93
N LEU A 137 11.71 -3.04 -13.65
CA LEU A 137 12.64 -3.99 -13.03
C LEU A 137 11.76 -5.19 -12.66
N ASN A 138 12.00 -6.32 -13.30
CA ASN A 138 11.11 -7.46 -13.17
C ASN A 138 11.74 -8.58 -12.35
N ASN A 139 10.96 -9.07 -11.37
CA ASN A 139 11.21 -10.33 -10.67
C ASN A 139 12.58 -10.38 -10.01
N PHE A 140 12.77 -9.49 -9.03
CA PHE A 140 14.05 -9.45 -8.32
C PHE A 140 13.89 -9.70 -6.82
N TYR A 141 15.01 -10.07 -6.17
CA TYR A 141 15.05 -10.23 -4.74
C TYR A 141 16.49 -10.05 -4.28
N PRO A 142 16.74 -9.36 -3.19
CA PRO A 142 15.81 -8.71 -2.28
C PRO A 142 15.25 -7.42 -2.81
N ARG A 143 14.45 -6.78 -1.95
CA ARG A 143 13.65 -5.61 -2.39
C ARG A 143 14.50 -4.38 -2.73
N GLU A 144 15.63 -4.22 -2.07
CA GLU A 144 16.43 -3.02 -2.25
C GLU A 144 16.94 -2.93 -3.69
N ALA A 145 16.64 -1.81 -4.32
CA ALA A 145 17.05 -1.58 -5.71
C ALA A 145 17.10 -0.09 -5.93
N LYS A 146 18.02 0.34 -6.79
CA LYS A 146 18.21 1.76 -7.12
C LYS A 146 18.04 1.94 -8.62
N VAL A 147 17.18 2.88 -9.01
CA VAL A 147 16.99 3.28 -10.39
C VAL A 147 17.53 4.69 -10.53
N GLN A 148 18.40 4.90 -11.53
CA GLN A 148 18.89 6.24 -11.85
C GLN A 148 18.56 6.57 -13.30
N TRP A 149 17.83 7.65 -13.49
CA TRP A 149 17.50 8.10 -14.82
C TRP A 149 18.53 9.10 -15.34
N LYS A 150 18.91 8.93 -16.61
CA LYS A 150 19.80 9.89 -17.27
C LYS A 150 19.24 10.27 -18.62
N VAL A 151 19.38 11.54 -18.96
CA VAL A 151 18.89 12.10 -20.22
C VAL A 151 20.08 12.85 -20.81
N ASP A 152 20.64 12.33 -21.91
CA ASP A 152 21.91 12.83 -22.47
C ASP A 152 22.97 13.00 -21.37
N ASN A 153 23.06 11.97 -20.54
CA ASN A 153 24.01 11.84 -19.44
C ASN A 153 23.77 12.80 -18.30
N ALA A 154 22.66 13.50 -18.29
CA ALA A 154 22.27 14.36 -17.18
C ALA A 154 21.45 13.52 -16.20
N LEU A 155 21.94 13.39 -14.98
CA LEU A 155 21.24 12.62 -13.97
C LEU A 155 19.95 13.34 -13.57
N GLN A 156 18.82 12.64 -13.63
CA GLN A 156 17.52 13.22 -13.30
C GLN A 156 17.19 13.01 -11.83
N SER A 157 16.77 14.07 -11.16
CA SER A 157 16.36 13.93 -9.77
C SER A 157 15.09 14.73 -9.54
N GLY A 158 14.08 14.12 -8.94
CA GLY A 158 12.92 14.90 -8.54
C GLY A 158 11.73 14.75 -9.47
N ASN A 159 11.94 14.25 -10.68
CA ASN A 159 10.92 14.17 -11.73
C ASN A 159 10.55 12.73 -12.10
N SER A 160 10.74 11.80 -11.17
CA SER A 160 10.30 10.42 -11.34
C SER A 160 9.53 9.95 -10.11
N GLN A 161 8.71 8.92 -10.34
CA GLN A 161 7.97 8.25 -9.26
C GLN A 161 8.06 6.75 -9.49
N GLU A 162 8.13 6.02 -8.39
CA GLU A 162 8.30 4.56 -8.42
C GLU A 162 7.15 3.89 -7.66
N SER A 163 6.88 2.64 -8.03
CA SER A 163 5.90 1.78 -7.39
C SER A 163 6.49 0.38 -7.40
N VAL A 164 6.16 -0.41 -6.38
CA VAL A 164 6.68 -1.77 -6.25
CA VAL A 164 6.68 -1.77 -6.25
C VAL A 164 5.53 -2.72 -5.91
N THR A 165 5.55 -3.91 -6.50
CA THR A 165 4.52 -4.89 -6.22
C THR A 165 4.77 -5.55 -4.87
N GLU A 166 3.73 -6.18 -4.37
CA GLU A 166 3.94 -7.08 -3.25
C GLU A 166 4.67 -8.33 -3.69
N GLN A 167 5.28 -9.03 -2.71
CA GLN A 167 5.99 -10.26 -3.03
C GLN A 167 5.14 -11.25 -3.81
N ASP A 168 5.69 -11.76 -4.92
CA ASP A 168 4.93 -12.66 -5.78
C ASP A 168 4.55 -13.95 -5.06
N SER A 169 3.32 -14.40 -5.29
CA SER A 169 2.82 -15.56 -4.56
C SER A 169 3.49 -16.86 -4.98
N LYS A 170 4.12 -16.89 -6.16
CA LYS A 170 4.74 -18.11 -6.65
C LYS A 170 6.25 -18.12 -6.48
N ASP A 171 6.92 -17.02 -6.81
CA ASP A 171 8.39 -17.00 -6.76
C ASP A 171 8.96 -16.03 -5.75
N SER A 172 8.13 -15.31 -5.00
CA SER A 172 8.58 -14.50 -3.87
C SER A 172 9.50 -13.36 -4.28
N THR A 173 9.40 -12.92 -5.51
CA THR A 173 10.16 -11.77 -5.99
C THR A 173 9.31 -10.51 -5.94
N TYR A 174 9.98 -9.41 -6.18
CA TYR A 174 9.40 -8.08 -6.32
C TYR A 174 9.56 -7.60 -7.75
N SER A 175 8.69 -6.70 -8.17
CA SER A 175 8.89 -5.95 -9.41
C SER A 175 8.67 -4.46 -9.12
N LEU A 176 9.28 -3.63 -9.94
CA LEU A 176 9.29 -2.19 -9.69
C LEU A 176 9.14 -1.47 -11.02
N SER A 177 8.33 -0.39 -11.03
CA SER A 177 8.14 0.48 -12.19
CA SER A 177 8.15 0.48 -12.19
C SER A 177 8.56 1.87 -11.77
N SER A 178 9.36 2.53 -12.58
CA SER A 178 9.75 3.91 -12.41
C SER A 178 9.34 4.70 -13.63
N THR A 179 8.66 5.82 -13.42
CA THR A 179 8.19 6.67 -14.50
C THR A 179 8.87 8.02 -14.39
N LEU A 180 9.57 8.41 -15.45
CA LEU A 180 10.18 9.73 -15.60
C LEU A 180 9.21 10.58 -16.40
N THR A 181 8.85 11.73 -15.84
CA THR A 181 7.95 12.67 -16.50
C THR A 181 8.71 13.86 -17.04
N LEU A 182 8.51 14.14 -18.35
CA LEU A 182 9.07 15.35 -18.97
C LEU A 182 8.03 15.99 -19.89
N SER A 183 8.19 17.27 -20.14
CA SER A 183 7.35 17.94 -21.14
C SER A 183 7.70 17.38 -22.51
N LYS A 184 6.73 17.42 -23.42
CA LYS A 184 7.04 17.09 -24.81
C LYS A 184 8.21 17.92 -25.33
N ALA A 185 8.18 19.24 -25.09
CA ALA A 185 9.25 20.11 -25.58
C ALA A 185 10.61 19.66 -25.08
N ASP A 186 10.71 19.30 -23.81
CA ASP A 186 12.00 18.83 -23.29
C ASP A 186 12.36 17.46 -23.86
N TYR A 187 11.39 16.56 -23.97
CA TYR A 187 11.66 15.22 -24.52
C TYR A 187 12.28 15.33 -25.91
N GLU A 188 11.77 16.23 -26.71
CA GLU A 188 12.24 16.38 -28.08
C GLU A 188 13.56 17.12 -28.21
N LYS A 189 14.10 17.66 -27.13
CA LYS A 189 15.40 18.32 -27.13
C LYS A 189 16.57 17.37 -26.88
N HIS A 190 16.32 16.12 -26.54
CA HIS A 190 17.37 15.21 -26.13
C HIS A 190 17.25 13.89 -26.85
N LYS A 191 18.39 13.18 -26.92
CA LYS A 191 18.50 11.94 -27.68
C LYS A 191 18.52 10.67 -26.84
N VAL A 192 19.40 10.57 -25.84
CA VAL A 192 19.67 9.31 -25.14
C VAL A 192 18.92 9.30 -23.81
N TYR A 193 17.99 8.36 -23.69
CA TYR A 193 17.22 8.14 -22.46
C TYR A 193 17.66 6.81 -21.86
N ALA A 194 18.09 6.83 -20.62
CA ALA A 194 18.68 5.66 -20.01
C ALA A 194 18.16 5.48 -18.59
N CYS A 195 17.97 4.21 -18.18
CA CYS A 195 17.62 3.78 -16.82
C CYS A 195 18.76 2.89 -16.37
N GLU A 196 19.44 3.27 -15.30
CA GLU A 196 20.54 2.51 -14.74
C GLU A 196 20.08 1.89 -13.43
N VAL A 197 20.28 0.59 -13.30
CA VAL A 197 19.75 -0.17 -12.18
C VAL A 197 20.90 -0.77 -11.39
N THR A 198 20.88 -0.55 -10.07
CA THR A 198 21.80 -1.18 -9.15
C THR A 198 21.05 -2.16 -8.23
N HIS A 199 21.59 -3.36 -8.09
CA HIS A 199 20.92 -4.40 -7.31
C HIS A 199 21.99 -5.40 -6.89
N GLN A 200 21.76 -6.03 -5.73
CA GLN A 200 22.74 -6.98 -5.20
C GLN A 200 22.97 -8.15 -6.15
N GLY A 201 21.99 -8.51 -6.96
CA GLY A 201 22.14 -9.58 -7.92
C GLY A 201 22.95 -9.25 -9.14
N LEU A 202 23.27 -7.98 -9.34
CA LEU A 202 24.08 -7.53 -10.47
C LEU A 202 25.50 -7.22 -10.03
N SER A 203 26.48 -7.80 -10.72
CA SER A 203 27.88 -7.55 -10.38
C SER A 203 28.23 -6.08 -10.59
N SER A 204 27.57 -5.42 -11.53
CA SER A 204 27.74 -3.99 -11.77
C SER A 204 26.42 -3.50 -12.31
N PRO A 205 26.15 -2.20 -12.23
CA PRO A 205 24.84 -1.70 -12.65
C PRO A 205 24.57 -2.01 -14.11
N VAL A 206 23.28 -2.23 -14.41
CA VAL A 206 22.80 -2.49 -15.76
C VAL A 206 22.11 -1.24 -16.24
N THR A 207 22.45 -0.79 -17.47
CA THR A 207 21.74 0.32 -18.10
C THR A 207 20.97 -0.17 -19.33
N LYS A 208 19.72 0.22 -19.42
CA LYS A 208 18.90 0.06 -20.61
C LYS A 208 18.60 1.45 -21.13
N SER A 209 18.77 1.62 -22.43
CA SER A 209 18.57 2.94 -23.02
C SER A 209 17.91 2.84 -24.38
N PHE A 210 17.40 3.99 -24.85
CA PHE A 210 17.00 4.13 -26.23
C PHE A 210 17.39 5.54 -26.71
N ASN A 211 17.55 5.68 -28.02
CA ASN A 211 17.76 6.97 -28.65
C ASN A 211 16.45 7.41 -29.29
N ARG A 212 15.95 8.56 -28.85
CA ARG A 212 14.69 9.07 -29.37
C ARG A 212 14.72 9.14 -30.89
N GLY A 213 13.69 8.58 -31.51
CA GLY A 213 13.56 8.59 -32.94
C GLY A 213 14.12 7.38 -33.67
N GLU A 214 14.98 6.61 -33.02
CA GLU A 214 15.64 5.49 -33.68
C GLU A 214 14.89 4.18 -33.51
N GLN B 1 -21.03 -13.96 17.05
CA GLN B 1 -19.62 -13.48 16.95
C GLN B 1 -19.56 -11.96 17.03
N VAL B 2 -18.49 -11.42 17.63
CA VAL B 2 -18.32 -9.97 17.68
C VAL B 2 -18.16 -9.47 16.25
N GLN B 3 -18.94 -8.46 15.87
CA GLN B 3 -18.80 -7.85 14.56
C GLN B 3 -18.94 -6.35 14.67
N LEU B 4 -18.10 -5.63 13.93
CA LEU B 4 -18.19 -4.18 13.75
C LEU B 4 -18.23 -3.88 12.25
N VAL B 5 -19.21 -3.13 11.80
CA VAL B 5 -19.39 -2.84 10.37
C VAL B 5 -19.45 -1.33 10.17
N GLU B 6 -18.45 -0.80 9.47
CA GLU B 6 -18.37 0.63 9.19
C GLU B 6 -19.11 1.01 7.91
N SER B 7 -19.57 2.25 7.87
CA SER B 7 -20.16 2.83 6.68
C SER B 7 -19.90 4.33 6.64
N GLY B 8 -20.06 4.92 5.46
CA GLY B 8 -19.99 6.36 5.31
C GLY B 8 -18.74 6.89 4.62
N GLY B 9 -17.84 6.01 4.17
CA GLY B 9 -16.64 6.47 3.52
C GLY B 9 -16.92 7.04 2.15
N GLY B 10 -15.91 7.69 1.60
CA GLY B 10 -16.04 8.24 0.26
C GLY B 10 -14.99 9.30 0.00
N VAL B 11 -15.18 9.97 -1.17
CA VAL B 11 -14.33 11.05 -1.63
C VAL B 11 -15.00 12.37 -1.20
N VAL B 12 -14.23 13.23 -0.57
CA VAL B 12 -14.75 14.50 -0.05
C VAL B 12 -13.73 15.60 -0.35
N GLN B 13 -14.23 16.80 -0.61
CA GLN B 13 -13.36 17.92 -0.94
C GLN B 13 -12.73 18.48 0.35
N PRO B 14 -11.52 19.04 0.25
CA PRO B 14 -10.89 19.63 1.43
C PRO B 14 -11.79 20.71 2.01
N GLY B 15 -11.86 20.75 3.35
CA GLY B 15 -12.66 21.72 4.05
C GLY B 15 -14.07 21.27 4.32
N ARG B 16 -14.51 20.19 3.67
CA ARG B 16 -15.86 19.69 3.86
C ARG B 16 -15.89 18.68 5.01
N SER B 17 -17.00 17.98 5.18
CA SER B 17 -17.23 17.10 6.31
C SER B 17 -17.74 15.75 5.80
N LEU B 18 -17.59 14.74 6.66
CA LEU B 18 -18.02 13.37 6.39
C LEU B 18 -18.29 12.75 7.75
N ARG B 19 -19.33 11.94 7.84
CA ARG B 19 -19.65 11.22 9.07
C ARG B 19 -19.53 9.73 8.82
N LEU B 20 -18.69 9.07 9.59
CA LEU B 20 -18.56 7.64 9.55
C LEU B 20 -19.44 7.02 10.64
N SER B 21 -19.96 5.83 10.33
CA SER B 21 -20.79 5.08 11.27
C SER B 21 -20.20 3.69 11.44
N CYS B 22 -20.38 3.10 12.61
CA CYS B 22 -19.92 1.74 12.87
C CYS B 22 -20.96 1.07 13.76
N VAL B 23 -21.55 0.00 13.25
CA VAL B 23 -22.60 -0.75 13.94
C VAL B 23 -22.02 -2.03 14.50
N GLY B 24 -22.24 -2.27 15.79
CA GLY B 24 -21.78 -3.49 16.43
C GLY B 24 -22.89 -4.52 16.56
N SER B 25 -22.49 -5.78 16.56
CA SER B 25 -23.41 -6.88 16.82
C SER B 25 -22.63 -8.01 17.48
N GLY B 26 -23.35 -8.86 18.20
CA GLY B 26 -22.73 -10.01 18.80
C GLY B 26 -22.08 -9.77 20.14
N PHE B 27 -22.27 -8.60 20.73
CA PHE B 27 -21.74 -8.29 22.05
C PHE B 27 -22.53 -7.13 22.61
N THR B 28 -22.31 -6.85 23.89
CA THR B 28 -23.00 -5.77 24.58
C THR B 28 -22.35 -4.43 24.22
N PHE B 29 -22.97 -3.69 23.32
CA PHE B 29 -22.31 -2.51 22.75
C PHE B 29 -22.02 -1.47 23.83
N ARG B 30 -22.93 -1.33 24.80
CA ARG B 30 -22.85 -0.23 25.76
C ARG B 30 -21.83 -0.47 26.87
N ARG B 31 -21.26 -1.68 26.95
CA ARG B 31 -20.43 -2.04 28.09
C ARG B 31 -19.08 -1.32 28.04
N ASP B 32 -18.52 -1.08 26.86
CA ASP B 32 -17.13 -0.68 26.74
C ASP B 32 -16.94 0.54 25.84
N ALA B 33 -15.77 1.13 26.00
CA ALA B 33 -15.35 2.22 25.12
C ALA B 33 -15.32 1.76 23.66
N LYS B 34 -15.35 2.75 22.77
CA LYS B 34 -15.20 2.56 21.34
C LYS B 34 -14.16 3.54 20.82
N TYR B 35 -13.59 3.20 19.66
CA TYR B 35 -12.40 3.89 19.16
C TYR B 35 -12.43 3.96 17.64
N TRP B 36 -11.69 4.95 17.10
CA TRP B 36 -11.36 5.00 15.68
C TRP B 36 -9.85 5.05 15.56
N VAL B 37 -9.33 4.23 14.66
CA VAL B 37 -7.92 4.13 14.33
C VAL B 37 -7.83 4.23 12.82
N ARG B 38 -6.87 5.00 12.30
CA ARG B 38 -6.75 5.15 10.87
C ARG B 38 -5.37 4.77 10.35
N GLN B 39 -5.35 4.51 9.04
CA GLN B 39 -4.12 4.13 8.36
C GLN B 39 -4.11 4.85 7.02
N ALA B 40 -3.17 5.80 6.88
CA ALA B 40 -2.98 6.49 5.62
C ALA B 40 -2.32 5.54 4.63
N PRO B 41 -2.49 5.81 3.34
CA PRO B 41 -1.97 4.84 2.36
C PRO B 41 -0.47 4.62 2.50
N GLY B 42 -0.07 3.34 2.62
CA GLY B 42 1.31 2.98 2.81
C GLY B 42 1.91 3.25 4.16
N LYS B 43 1.13 3.72 5.14
CA LYS B 43 1.66 4.14 6.42
C LYS B 43 1.17 3.20 7.51
N GLY B 44 1.52 3.55 8.75
CA GLY B 44 1.19 2.72 9.89
C GLY B 44 -0.14 3.09 10.49
N LEU B 45 -0.41 2.53 11.65
CA LEU B 45 -1.66 2.77 12.34
C LEU B 45 -1.55 3.99 13.26
N GLU B 46 -2.62 4.78 13.30
CA GLU B 46 -2.68 6.00 14.10
C GLU B 46 -4.02 6.03 14.81
N TRP B 47 -4.02 5.97 16.13
CA TRP B 47 -5.25 6.14 16.88
C TRP B 47 -5.73 7.57 16.74
N VAL B 48 -7.05 7.73 16.55
CA VAL B 48 -7.70 9.01 16.25
C VAL B 48 -8.59 9.49 17.41
N ALA B 49 -9.45 8.61 17.91
CA ALA B 49 -10.44 9.07 18.88
C ALA B 49 -10.96 7.91 19.70
N ALA B 50 -11.40 8.24 20.93
CA ALA B 50 -11.93 7.28 21.88
C ALA B 50 -13.15 7.88 22.57
N ILE B 51 -14.10 7.03 22.93
CA ILE B 51 -15.27 7.47 23.67
C ILE B 51 -15.60 6.41 24.72
N SER B 52 -15.89 6.84 25.94
CA SER B 52 -16.21 5.92 27.03
C SER B 52 -17.57 5.26 26.79
N HIS B 53 -17.81 4.23 27.59
CA HIS B 53 -18.99 3.38 27.44
C HIS B 53 -20.28 4.17 27.35
N ASP B 54 -20.45 5.19 28.17
CA ASP B 54 -21.70 5.96 28.20
C ASP B 54 -21.57 7.31 27.51
N GLY B 55 -20.48 7.56 26.82
CA GLY B 55 -20.27 8.82 26.12
C GLY B 55 -19.83 9.97 26.99
N GLY B 56 -19.59 9.74 28.27
CA GLY B 56 -19.21 10.81 29.17
C GLY B 56 -17.81 11.35 28.98
N GLU B 57 -16.94 10.60 28.34
CA GLU B 57 -15.55 11.01 28.12
C GLU B 57 -15.14 10.79 26.67
N GLU B 58 -14.56 11.81 26.06
CA GLU B 58 -14.02 11.71 24.71
C GLU B 58 -12.55 12.13 24.70
N ASP B 59 -11.72 11.38 23.98
CA ASP B 59 -10.32 11.72 23.79
C ASP B 59 -9.98 11.70 22.31
N TYR B 60 -9.05 12.59 21.93
CA TYR B 60 -8.65 12.72 20.54
C TYR B 60 -7.15 12.81 20.41
N ALA B 61 -6.67 12.36 19.27
CA ALA B 61 -5.30 12.67 18.85
C ALA B 61 -5.14 14.15 18.59
N GLU B 62 -3.94 14.65 18.88
CA GLU B 62 -3.70 16.08 18.68
C GLU B 62 -3.90 16.50 17.24
N SER B 63 -3.60 15.63 16.28
CA SER B 63 -3.73 15.99 14.87
C SER B 63 -5.17 16.26 14.46
N VAL B 64 -6.11 15.83 15.29
CA VAL B 64 -7.53 15.76 14.97
C VAL B 64 -8.44 16.50 15.90
N LYS B 65 -7.92 16.95 17.04
CA LYS B 65 -8.71 17.61 18.06
C LYS B 65 -9.35 18.88 17.50
N GLY B 66 -10.61 19.09 17.85
CA GLY B 66 -11.38 20.25 17.44
C GLY B 66 -12.08 20.02 16.11
N ARG B 67 -11.41 19.34 15.19
CA ARG B 67 -11.99 19.09 13.87
C ARG B 67 -12.87 17.85 13.82
N PHE B 68 -12.54 16.83 14.61
CA PHE B 68 -13.30 15.59 14.65
C PHE B 68 -14.09 15.50 15.95
N THR B 69 -15.24 14.85 15.86
CA THR B 69 -16.06 14.56 17.02
C THR B 69 -16.45 13.09 16.98
N ILE B 70 -16.16 12.37 18.07
CA ILE B 70 -16.65 11.01 18.24
C ILE B 70 -17.90 11.06 19.12
N SER B 71 -18.87 10.23 18.78
CA SER B 71 -20.12 10.14 19.54
C SER B 71 -20.66 8.73 19.41
N ARG B 72 -21.65 8.41 20.25
CA ARG B 72 -22.23 7.08 20.16
C ARG B 72 -23.72 7.13 20.50
N ASP B 73 -24.44 6.15 19.98
CA ASP B 73 -25.85 5.93 20.25
C ASP B 73 -25.98 4.45 20.64
N ASN B 74 -25.91 4.16 21.96
CA ASN B 74 -25.93 2.77 22.39
C ASN B 74 -27.26 2.11 22.07
N SER B 75 -28.34 2.87 21.98
CA SER B 75 -29.63 2.29 21.66
C SER B 75 -29.69 1.79 20.22
N ARG B 76 -28.79 2.25 19.36
CA ARG B 76 -28.66 1.72 18.01
C ARG B 76 -27.36 0.97 17.82
N GLU B 77 -26.64 0.70 18.91
CA GLU B 77 -25.37 -0.04 18.86
C GLU B 77 -24.42 0.55 17.83
N THR B 78 -24.32 1.87 17.82
CA THR B 78 -23.57 2.59 16.80
C THR B 78 -22.64 3.60 17.43
N VAL B 79 -21.44 3.72 16.85
CA VAL B 79 -20.49 4.78 17.18
C VAL B 79 -20.20 5.52 15.88
N TYR B 80 -19.99 6.81 16.01
CA TYR B 80 -19.82 7.70 14.88
C TYR B 80 -18.49 8.42 14.97
N LEU B 81 -17.95 8.83 13.82
CA LEU B 81 -16.88 9.83 13.75
C LEU B 81 -17.31 10.92 12.78
N GLU B 82 -17.50 12.14 13.28
CA GLU B 82 -17.86 13.31 12.49
C GLU B 82 -16.55 14.03 12.18
N MET B 83 -16.19 14.08 10.92
CA MET B 83 -14.91 14.62 10.47
C MET B 83 -15.19 15.95 9.78
N ASN B 84 -14.75 17.05 10.38
CA ASN B 84 -14.93 18.39 9.80
C ASN B 84 -13.60 18.98 9.39
N SER B 85 -13.67 20.03 8.59
CA SER B 85 -12.52 20.73 8.05
C SER B 85 -11.50 19.72 7.55
N LEU B 86 -11.96 18.82 6.69
CA LEU B 86 -11.10 17.74 6.24
C LEU B 86 -9.91 18.24 5.44
N ARG B 87 -8.76 17.59 5.67
CA ARG B 87 -7.50 17.98 5.08
C ARG B 87 -6.92 16.81 4.29
N PRO B 88 -6.12 17.08 3.25
CA PRO B 88 -5.52 15.98 2.49
C PRO B 88 -4.90 14.90 3.39
N GLU B 89 -4.25 15.30 4.48
CA GLU B 89 -3.61 14.35 5.38
C GLU B 89 -4.59 13.52 6.19
N ASP B 90 -5.88 13.77 6.08
CA ASP B 90 -6.86 12.88 6.67
C ASP B 90 -7.23 11.71 5.76
N THR B 91 -6.71 11.66 4.54
CA THR B 91 -6.95 10.53 3.68
C THR B 91 -6.41 9.26 4.33
N ALA B 92 -7.28 8.26 4.48
CA ALA B 92 -6.89 7.06 5.20
C ALA B 92 -8.05 6.07 5.19
N VAL B 93 -7.73 4.82 5.53
CA VAL B 93 -8.76 3.87 5.94
C VAL B 93 -8.98 4.07 7.43
N TYR B 94 -10.24 4.27 7.82
CA TYR B 94 -10.67 4.49 9.21
C TYR B 94 -11.29 3.20 9.74
N TYR B 95 -10.72 2.66 10.80
CA TYR B 95 -11.21 1.46 11.46
C TYR B 95 -11.89 1.83 12.77
N CYS B 96 -13.08 1.27 13.01
N CYS B 96 -13.05 1.20 13.01
CA CYS B 96 -13.65 1.34 14.35
CA CYS B 96 -13.72 1.21 14.30
C CYS B 96 -13.21 0.10 15.12
C CYS B 96 -13.18 0.05 15.12
N ALA B 97 -13.13 0.26 16.44
CA ALA B 97 -12.67 -0.80 17.33
C ALA B 97 -13.38 -0.72 18.67
N THR B 98 -13.38 -1.87 19.36
CA THR B 98 -13.95 -1.99 20.69
C THR B 98 -12.95 -2.70 21.59
N THR B 99 -13.16 -2.57 22.89
CA THR B 99 -12.18 -3.00 23.86
C THR B 99 -12.85 -3.80 24.96
N ARG B 100 -12.05 -4.56 25.69
CA ARG B 100 -12.50 -5.23 26.88
C ARG B 100 -12.13 -4.46 28.12
N SER B 101 -10.94 -3.86 28.15
CA SER B 101 -10.48 -3.19 29.37
C SER B 101 -10.10 -1.72 29.18
N GLY B 102 -10.02 -1.25 27.94
CA GLY B 102 -9.63 0.09 27.61
C GLY B 102 -8.18 0.22 27.21
N TRP B 103 -7.36 -0.81 27.49
CA TRP B 103 -5.95 -0.78 27.14
C TRP B 103 -5.74 -1.03 25.65
N TYR B 104 -6.54 -1.94 25.09
CA TYR B 104 -6.23 -2.54 23.80
C TYR B 104 -7.41 -2.52 22.87
N PHE B 105 -7.12 -2.72 21.59
CA PHE B 105 -8.14 -2.74 20.52
C PHE B 105 -8.49 -4.20 20.24
N ASP B 106 -9.42 -4.75 21.03
CA ASP B 106 -9.64 -6.19 21.02
C ASP B 106 -10.30 -6.66 19.74
N TYR B 107 -11.20 -5.85 19.17
CA TYR B 107 -11.89 -6.20 17.94
C TYR B 107 -11.96 -4.99 17.04
N TRP B 108 -11.86 -5.24 15.74
CA TRP B 108 -11.75 -4.23 14.70
C TRP B 108 -12.81 -4.43 13.63
N GLY B 109 -13.28 -3.33 13.08
CA GLY B 109 -14.14 -3.36 11.91
C GLY B 109 -13.37 -3.63 10.63
N GLN B 110 -14.05 -3.44 9.50
CA GLN B 110 -13.48 -3.77 8.21
C GLN B 110 -12.82 -2.56 7.54
N GLY B 111 -13.03 -1.36 8.08
CA GLY B 111 -12.43 -0.15 7.54
C GLY B 111 -13.36 0.60 6.62
N ALA B 112 -13.28 1.91 6.65
CA ALA B 112 -13.96 2.77 5.70
C ALA B 112 -12.92 3.70 5.09
N LEU B 113 -12.88 3.75 3.75
CA LEU B 113 -11.88 4.54 3.05
C LEU B 113 -12.41 5.95 2.88
N VAL B 114 -11.58 6.92 3.28
CA VAL B 114 -11.88 8.35 3.18
C VAL B 114 -10.76 8.97 2.35
N THR B 115 -11.13 9.62 1.23
CA THR B 115 -10.17 10.28 0.35
C THR B 115 -10.52 11.74 0.30
N VAL B 116 -9.57 12.59 0.68
CA VAL B 116 -9.79 14.04 0.73
C VAL B 116 -9.02 14.64 -0.42
N SER B 117 -9.72 15.23 -1.39
CA SER B 117 -9.07 15.72 -2.59
C SER B 117 -10.01 16.68 -3.30
N SER B 118 -9.44 17.68 -3.93
CA SER B 118 -10.20 18.62 -4.76
C SER B 118 -10.27 18.18 -6.21
N ALA B 119 -9.69 17.02 -6.53
CA ALA B 119 -9.73 16.53 -7.91
C ALA B 119 -11.15 16.16 -8.33
N SER B 120 -11.43 16.33 -9.61
CA SER B 120 -12.72 15.90 -10.17
C SER B 120 -12.58 14.49 -10.74
N THR B 121 -13.66 13.74 -10.70
CA THR B 121 -13.69 12.41 -11.31
C THR B 121 -13.27 12.51 -12.76
N LYS B 122 -12.37 11.59 -13.15
CA LYS B 122 -11.78 11.63 -14.47
C LYS B 122 -11.31 10.24 -14.82
N GLY B 123 -11.68 9.77 -16.02
CA GLY B 123 -11.20 8.46 -16.44
C GLY B 123 -9.80 8.56 -17.04
N PRO B 124 -9.12 7.44 -17.12
CA PRO B 124 -7.72 7.46 -17.56
C PRO B 124 -7.58 7.55 -19.07
N SER B 125 -6.42 8.07 -19.48
CA SER B 125 -5.86 7.78 -20.79
C SER B 125 -5.00 6.54 -20.71
N VAL B 126 -5.09 5.69 -21.72
CA VAL B 126 -4.37 4.43 -21.72
C VAL B 126 -3.37 4.45 -22.88
N PHE B 127 -2.10 4.34 -22.55
CA PHE B 127 -1.02 4.39 -23.53
C PHE B 127 -0.27 3.08 -23.58
N PRO B 128 0.23 2.68 -24.74
CA PRO B 128 0.97 1.42 -24.79
C PRO B 128 2.40 1.57 -24.26
N LEU B 129 2.88 0.51 -23.64
CA LEU B 129 4.26 0.29 -23.26
C LEU B 129 4.68 -0.79 -24.26
N ALA B 130 5.23 -0.35 -25.39
CA ALA B 130 5.37 -1.28 -26.52
C ALA B 130 6.59 -2.16 -26.33
N PRO B 131 6.49 -3.44 -26.71
CA PRO B 131 7.64 -4.35 -26.52
C PRO B 131 8.77 -4.00 -27.44
N SER B 132 10.00 -4.16 -26.92
CA SER B 132 11.20 -3.80 -27.68
C SER B 132 11.40 -4.71 -28.89
N SER B 133 11.00 -5.97 -28.78
CA SER B 133 11.13 -6.94 -29.89
C SER B 133 12.56 -7.03 -30.41
N LYS B 134 13.54 -6.82 -29.54
CA LYS B 134 14.94 -6.82 -29.95
C LYS B 134 15.53 -8.23 -29.84
N GLY B 138 17.68 -15.10 -23.71
CA GLY B 138 16.58 -15.79 -23.02
C GLY B 138 15.23 -15.65 -23.68
N GLY B 139 15.11 -14.71 -24.61
CA GLY B 139 13.88 -14.61 -25.39
C GLY B 139 12.67 -14.14 -24.64
N THR B 140 12.85 -13.21 -23.69
CA THR B 140 11.76 -12.66 -22.91
C THR B 140 11.54 -11.20 -23.30
N ALA B 141 10.31 -10.87 -23.65
CA ALA B 141 9.93 -9.50 -23.91
C ALA B 141 8.98 -9.01 -22.82
N ALA B 142 8.91 -7.72 -22.67
CA ALA B 142 7.99 -7.10 -21.74
C ALA B 142 7.16 -6.07 -22.51
N LEU B 143 5.88 -5.99 -22.18
CA LEU B 143 4.97 -5.01 -22.75
C LEU B 143 4.02 -4.60 -21.64
N GLY B 144 3.27 -3.54 -21.91
CA GLY B 144 2.35 -3.10 -20.88
C GLY B 144 1.42 -2.00 -21.33
N CYS B 145 0.68 -1.48 -20.35
N CYS B 145 0.66 -1.47 -20.37
CA CYS B 145 -0.19 -0.33 -20.53
CA CYS B 145 -0.16 -0.29 -20.61
C CYS B 145 0.11 0.66 -19.42
C CYS B 145 0.01 0.66 -19.43
N LEU B 146 0.12 1.93 -19.78
CA LEU B 146 0.27 3.04 -18.85
C LEU B 146 -1.10 3.65 -18.72
N VAL B 147 -1.65 3.63 -17.51
CA VAL B 147 -3.02 4.05 -17.22
C VAL B 147 -2.88 5.38 -16.49
N LYS B 148 -3.04 6.47 -17.21
CA LYS B 148 -2.57 7.75 -16.72
C LYS B 148 -3.70 8.73 -16.47
N ASP B 149 -3.55 9.50 -15.36
CA ASP B 149 -4.35 10.68 -15.07
C ASP B 149 -5.83 10.38 -14.81
N TYR B 150 -6.10 9.58 -13.77
CA TYR B 150 -7.46 9.25 -13.42
C TYR B 150 -7.72 9.61 -11.96
N PHE B 151 -9.00 9.72 -11.63
CA PHE B 151 -9.38 10.01 -10.25
C PHE B 151 -10.84 9.61 -10.09
N PRO B 152 -11.23 9.01 -8.96
CA PRO B 152 -10.41 8.50 -7.86
C PRO B 152 -9.93 7.09 -8.16
N GLU B 153 -9.18 6.51 -7.24
CA GLU B 153 -8.96 5.07 -7.28
C GLU B 153 -10.30 4.37 -7.10
N PRO B 154 -10.41 3.12 -7.54
CA PRO B 154 -9.39 2.28 -8.19
C PRO B 154 -9.61 2.09 -9.68
N VAL B 155 -8.60 1.52 -10.34
CA VAL B 155 -8.73 1.03 -11.72
C VAL B 155 -8.43 -0.46 -11.64
N THR B 156 -9.03 -1.24 -12.55
CA THR B 156 -8.68 -2.64 -12.66
C THR B 156 -8.08 -2.84 -14.05
N VAL B 157 -7.14 -3.76 -14.15
CA VAL B 157 -6.51 -4.10 -15.40
C VAL B 157 -6.46 -5.61 -15.52
N SER B 158 -6.92 -6.12 -16.64
CA SER B 158 -6.71 -7.51 -17.01
C SER B 158 -6.03 -7.53 -18.36
N TRP B 159 -5.61 -8.72 -18.77
CA TRP B 159 -4.96 -8.95 -20.05
C TRP B 159 -5.72 -10.03 -20.80
N ASN B 160 -5.99 -9.75 -22.09
CA ASN B 160 -6.70 -10.67 -22.98
C ASN B 160 -7.98 -11.17 -22.33
N SER B 161 -8.69 -10.26 -21.67
CA SER B 161 -9.97 -10.53 -21.06
C SER B 161 -9.89 -11.66 -20.04
N GLY B 162 -8.75 -11.77 -19.37
CA GLY B 162 -8.53 -12.76 -18.36
C GLY B 162 -7.88 -14.02 -18.85
N ALA B 163 -7.64 -14.14 -20.15
CA ALA B 163 -7.01 -15.35 -20.66
C ALA B 163 -5.52 -15.38 -20.39
N LEU B 164 -4.92 -14.24 -20.06
CA LEU B 164 -3.50 -14.12 -19.75
C LEU B 164 -3.36 -13.60 -18.34
N THR B 165 -2.85 -14.46 -17.44
CA THR B 165 -2.57 -14.04 -16.08
C THR B 165 -1.13 -14.26 -15.63
N SER B 166 -0.44 -15.23 -16.21
CA SER B 166 0.94 -15.50 -15.81
C SER B 166 1.83 -14.36 -16.26
N GLY B 167 2.76 -13.96 -15.39
CA GLY B 167 3.70 -12.92 -15.77
C GLY B 167 3.17 -11.50 -15.70
N VAL B 168 1.93 -11.30 -15.30
CA VAL B 168 1.37 -9.96 -15.19
C VAL B 168 1.79 -9.32 -13.86
N HIS B 169 2.17 -8.05 -13.93
CA HIS B 169 2.37 -7.23 -12.74
C HIS B 169 1.64 -5.91 -12.94
N THR B 170 0.61 -5.68 -12.12
CA THR B 170 -0.12 -4.42 -12.13
C THR B 170 0.33 -3.70 -10.88
N PHE B 171 0.95 -2.57 -11.07
CA PHE B 171 1.61 -1.87 -10.00
C PHE B 171 0.66 -1.00 -9.21
N PRO B 172 0.98 -0.74 -7.95
CA PRO B 172 0.22 0.24 -7.21
C PRO B 172 0.25 1.57 -7.92
N ALA B 173 -0.87 2.30 -7.88
CA ALA B 173 -0.90 3.63 -8.43
C ALA B 173 -0.05 4.59 -7.62
N VAL B 174 0.44 5.62 -8.32
CA VAL B 174 1.12 6.74 -7.70
C VAL B 174 0.20 7.94 -7.85
N LEU B 175 0.26 8.81 -6.86
CA LEU B 175 -0.49 10.06 -6.89
C LEU B 175 0.44 11.16 -7.40
N GLN B 176 0.08 11.79 -8.50
CA GLN B 176 0.87 12.86 -9.07
C GLN B 176 0.55 14.19 -8.40
N SER B 177 1.45 15.17 -8.56
CA SER B 177 1.22 16.48 -7.96
C SER B 177 -0.01 17.15 -8.55
N SER B 178 -0.46 16.72 -9.72
CA SER B 178 -1.73 17.18 -10.28
C SER B 178 -2.95 16.73 -9.49
N GLY B 179 -2.79 15.77 -8.58
CA GLY B 179 -3.92 15.20 -7.89
C GLY B 179 -4.53 14.01 -8.59
N LEU B 180 -4.03 13.64 -9.77
CA LEU B 180 -4.51 12.48 -10.50
C LEU B 180 -3.55 11.32 -10.31
N TYR B 181 -4.11 10.12 -10.36
CA TYR B 181 -3.35 8.88 -10.22
C TYR B 181 -2.83 8.39 -11.56
N SER B 182 -1.75 7.58 -11.48
CA SER B 182 -1.23 6.92 -12.66
C SER B 182 -0.73 5.52 -12.25
N LEU B 183 -0.93 4.53 -13.12
CA LEU B 183 -0.31 3.26 -12.81
C LEU B 183 0.05 2.56 -14.11
N SER B 184 0.96 1.59 -13.97
CA SER B 184 1.34 0.75 -15.10
C SER B 184 0.94 -0.68 -14.81
N SER B 185 0.59 -1.40 -15.87
CA SER B 185 0.43 -2.85 -15.83
C SER B 185 1.32 -3.43 -16.93
N VAL B 186 2.16 -4.40 -16.58
CA VAL B 186 3.11 -5.01 -17.51
C VAL B 186 2.91 -6.51 -17.52
N VAL B 187 3.37 -7.13 -18.59
CA VAL B 187 3.44 -8.59 -18.66
C VAL B 187 4.70 -8.99 -19.39
N THR B 188 5.36 -10.05 -18.92
CA THR B 188 6.44 -10.64 -19.68
C THR B 188 5.90 -11.80 -20.51
N VAL B 189 6.36 -11.89 -21.75
CA VAL B 189 5.95 -12.94 -22.69
C VAL B 189 7.13 -13.35 -23.54
N PRO B 190 7.06 -14.51 -24.18
CA PRO B 190 8.15 -14.89 -25.09
C PRO B 190 8.24 -13.94 -26.26
N SER B 191 9.45 -13.52 -26.56
CA SER B 191 9.63 -12.58 -27.67
C SER B 191 9.25 -13.20 -29.00
N SER B 192 9.38 -14.51 -29.15
CA SER B 192 9.00 -15.16 -30.39
C SER B 192 7.49 -15.11 -30.64
N SER B 193 6.69 -14.76 -29.63
CA SER B 193 5.25 -14.67 -29.80
C SER B 193 4.80 -13.30 -30.31
N LEU B 194 5.69 -12.30 -30.37
CA LEU B 194 5.24 -10.93 -30.55
C LEU B 194 4.63 -10.70 -31.93
N GLY B 195 5.08 -11.45 -32.92
CA GLY B 195 4.53 -11.26 -34.26
C GLY B 195 3.20 -11.92 -34.50
N THR B 196 2.80 -12.87 -33.65
CA THR B 196 1.63 -13.69 -33.90
C THR B 196 0.55 -13.61 -32.82
N GLN B 197 0.90 -13.32 -31.58
CA GLN B 197 -0.06 -13.30 -30.49
C GLN B 197 -0.51 -11.87 -30.25
N THR B 198 -1.81 -11.66 -30.12
CA THR B 198 -2.35 -10.36 -29.78
C THR B 198 -2.42 -10.19 -28.27
N TYR B 199 -1.93 -9.05 -27.77
CA TYR B 199 -1.97 -8.74 -26.35
C TYR B 199 -2.77 -7.46 -26.16
N ILE B 200 -3.81 -7.56 -25.36
CA ILE B 200 -4.74 -6.46 -25.11
C ILE B 200 -4.89 -6.25 -23.62
N CYS B 201 -4.67 -5.03 -23.16
N CYS B 201 -4.71 -5.01 -23.18
CA CYS B 201 -4.96 -4.73 -21.78
CA CYS B 201 -4.93 -4.55 -21.81
C CYS B 201 -6.37 -4.17 -21.69
C CYS B 201 -6.35 -4.06 -21.65
N ASN B 202 -7.10 -4.66 -20.69
CA ASN B 202 -8.50 -4.28 -20.45
C ASN B 202 -8.51 -3.43 -19.20
N VAL B 203 -8.80 -2.14 -19.35
CA VAL B 203 -8.79 -1.19 -18.25
C VAL B 203 -10.23 -0.80 -17.92
N ASN B 204 -10.56 -0.82 -16.62
CA ASN B 204 -11.89 -0.42 -16.17
C ASN B 204 -11.74 0.58 -15.02
N HIS B 205 -12.29 1.78 -15.19
CA HIS B 205 -12.34 2.78 -14.13
C HIS B 205 -13.82 3.03 -13.85
N LYS B 206 -14.38 2.26 -12.92
CA LYS B 206 -15.81 2.32 -12.68
C LYS B 206 -16.30 3.69 -12.22
N PRO B 207 -15.55 4.44 -11.43
CA PRO B 207 -16.08 5.75 -10.99
C PRO B 207 -16.45 6.67 -12.11
N SER B 208 -15.79 6.54 -13.26
CA SER B 208 -16.07 7.39 -14.41
C SER B 208 -16.77 6.63 -15.51
N ASN B 209 -17.12 5.37 -15.29
CA ASN B 209 -17.73 4.54 -16.33
CA ASN B 209 -17.73 4.54 -16.33
C ASN B 209 -16.85 4.48 -17.58
N THR B 210 -15.55 4.34 -17.36
CA THR B 210 -14.57 4.32 -18.45
C THR B 210 -13.99 2.91 -18.58
N LYS B 211 -14.17 2.30 -19.75
CA LYS B 211 -13.61 1.00 -20.08
C LYS B 211 -12.85 1.17 -21.39
N VAL B 212 -11.61 0.69 -21.40
CA VAL B 212 -10.73 0.77 -22.57
C VAL B 212 -10.09 -0.58 -22.79
N ASP B 213 -10.08 -1.07 -24.02
CA ASP B 213 -9.27 -2.21 -24.43
C ASP B 213 -8.20 -1.71 -25.38
N LYS B 214 -6.94 -1.84 -24.98
CA LYS B 214 -5.82 -1.35 -25.78
C LYS B 214 -4.97 -2.51 -26.28
N LYS B 215 -4.89 -2.69 -27.58
CA LYS B 215 -3.96 -3.66 -28.15
C LYS B 215 -2.56 -3.07 -28.12
N VAL B 216 -1.60 -3.84 -27.63
CA VAL B 216 -0.21 -3.39 -27.49
C VAL B 216 0.64 -4.24 -28.41
N GLU B 217 1.32 -3.58 -29.34
CA GLU B 217 2.14 -4.36 -30.25
C GLU B 217 3.48 -3.67 -30.48
N PRO B 218 4.45 -4.35 -31.07
CA PRO B 218 5.71 -3.67 -31.42
C PRO B 218 5.47 -2.46 -32.27
N LYS B 219 6.17 -1.37 -31.97
CA LYS B 219 6.02 -0.15 -32.76
C LYS B 219 6.80 -0.25 -34.06
N SER B 220 6.22 0.28 -35.13
CA SER B 220 6.88 0.31 -36.44
C SER B 220 8.27 0.94 -36.36
N1 EPE C . 16.32 -17.27 12.47
C2 EPE C . 17.00 -16.39 11.55
C3 EPE C . 17.37 -17.13 10.28
N4 EPE C . 18.12 -18.38 10.52
C5 EPE C . 17.42 -19.22 11.49
C6 EPE C . 17.13 -18.41 12.75
C7 EPE C . 18.26 -19.13 9.27
C8 EPE C . 19.45 -20.08 9.34
O8 EPE C . 19.07 -21.29 9.95
C9 EPE C . 16.01 -16.56 13.72
C10 EPE C . 14.76 -17.22 14.31
S EPE C . 14.51 -16.52 15.94
O1S EPE C . 14.69 -15.06 15.87
O2S EPE C . 13.15 -16.86 16.39
O3S EPE C . 15.51 -17.13 16.89
H21 EPE C . 16.42 -15.65 11.33
H22 EPE C . 17.81 -16.06 11.98
H31 EPE C . 16.56 -17.35 9.80
H32 EPE C . 17.93 -16.55 9.73
H51 EPE C . 17.98 -19.98 11.72
H52 EPE C . 16.60 -19.54 11.11
H61 EPE C . 17.97 -18.12 13.14
H62 EPE C . 16.67 -18.99 13.39
H71 EPE C . 17.45 -19.64 9.11
H72 EPE C . 18.38 -18.50 8.54
H81 EPE C . 19.77 -20.26 8.43
H82 EPE C . 20.17 -19.67 9.86
HO8 EPE C . 19.67 -21.87 9.80
H91 EPE C . 15.82 -15.62 13.54
H92 EPE C . 16.74 -16.64 14.34
H101 EPE C . 13.99 -17.05 13.75
H102 EPE C . 14.89 -18.19 14.37
#